data_3CKQ
#
_entry.id   3CKQ
#
_cell.length_a   87.025
_cell.length_b   87.025
_cell.length_c   103.687
_cell.angle_alpha   90.00
_cell.angle_beta   90.00
_cell.angle_gamma   90.00
#
_symmetry.space_group_name_H-M   'P 41 21 2'
#
loop_
_entity.id
_entity.type
_entity.pdbx_description
1 polymer 'Putative uncharacterized protein'
2 non-polymer 'MANGANESE (II) ION'
3 non-polymer 'SULFATE ION'
4 non-polymer "URIDINE-5'-DIPHOSPHATE-GLUCOSE"
5 water water
#
_entity_poly.entity_id   1
_entity_poly.type   'polypeptide(L)'
_entity_poly.pdbx_seq_one_letter_code
;MTTSDLVAGELAGDGLRDTRPGDTWLADRSWNRPGWTVAELEAAKAGRTISVVLPALDEEDTIGSVIDSISPLVDGLVDE
LIVLDSGSTDDTEIRAVAAGARVVSREQALPEVPIRPGKGEALWRSLAASRGDIVVFVDSDLINPHPMFVPWLVGPLLTG
DGVHLVKSFYRRPLNVGDAGGGAGATGGGRVTELVARPLLAALRPELGCILQPLGGEYAATRELLTSVPFAPGYGVEIGL
LVDTFDRLGLDAIAQVNLGVREHRNRPLAELGAMSRQVIATLLSRCGIPDSGVGLTQFVADGPEGQSYTQHTWPVSLADR
PPMQAIRPR
;
_entity_poly.pdbx_strand_id   A
#
# COMPACT_ATOMS: atom_id res chain seq x y z
N GLY A 15 -6.92 25.21 4.48
CA GLY A 15 -7.08 23.90 3.79
C GLY A 15 -7.15 22.73 4.75
N LEU A 16 -6.06 22.52 5.49
CA LEU A 16 -6.01 21.52 6.56
C LEU A 16 -6.66 22.05 7.85
N ARG A 17 -7.20 23.27 7.78
CA ARG A 17 -7.91 23.88 8.89
C ARG A 17 -9.34 23.35 8.99
N ASP A 18 -9.82 22.74 7.90
CA ASP A 18 -11.09 22.03 7.88
C ASP A 18 -11.11 21.03 6.73
N THR A 19 -11.01 19.75 7.08
CA THR A 19 -11.02 18.68 6.09
C THR A 19 -12.04 17.58 6.42
N ARG A 20 -12.73 17.11 5.40
CA ARG A 20 -13.74 16.06 5.54
C ARG A 20 -13.27 14.78 4.88
N PRO A 21 -13.71 13.61 5.41
CA PRO A 21 -13.40 12.33 4.78
C PRO A 21 -13.77 12.34 3.29
N GLY A 22 -12.76 12.49 2.44
CA GLY A 22 -12.98 12.56 1.00
C GLY A 22 -12.19 13.67 0.33
N ASP A 23 -11.83 14.69 1.11
CA ASP A 23 -11.11 15.88 0.60
C ASP A 23 -9.78 15.55 -0.06
N THR A 24 -9.55 16.16 -1.22
CA THR A 24 -8.37 15.90 -2.04
C THR A 24 -7.37 17.06 -1.96
N TRP A 25 -6.10 16.73 -1.74
CA TRP A 25 -5.02 17.72 -1.71
C TRP A 25 -4.08 17.56 -2.91
N LEU A 26 -3.89 18.64 -3.65
CA LEU A 26 -2.98 18.66 -4.78
C LEU A 26 -1.63 19.25 -4.40
N ALA A 27 -0.61 18.99 -5.24
CA ALA A 27 0.76 19.42 -4.99
C ALA A 27 0.92 20.92 -4.66
N ASP A 28 0.13 21.75 -5.35
CA ASP A 28 0.22 23.21 -5.23
C ASP A 28 -0.56 23.76 -4.03
N ARG A 29 -0.57 23.02 -2.94
CA ARG A 29 -1.27 23.39 -1.69
C ARG A 29 -2.75 23.77 -1.90
N SER A 30 -3.45 23.01 -2.74
CA SER A 30 -4.84 23.28 -3.07
C SER A 30 -5.74 22.08 -2.76
N TRP A 31 -6.86 22.36 -2.10
CA TRP A 31 -7.83 21.34 -1.69
C TRP A 31 -9.08 21.34 -2.56
N ASN A 32 -9.78 20.21 -2.58
CA ASN A 32 -11.05 20.07 -3.30
C ASN A 32 -12.03 19.16 -2.56
N ARG A 33 -13.26 19.64 -2.38
CA ARG A 33 -14.32 18.85 -1.75
C ARG A 33 -15.15 18.12 -2.80
N PRO A 34 -15.12 16.76 -2.76
CA PRO A 34 -15.79 15.92 -3.74
C PRO A 34 -17.32 15.94 -3.63
N GLY A 35 -17.97 16.52 -4.64
CA GLY A 35 -19.43 16.63 -4.66
C GLY A 35 -20.08 15.65 -5.62
N TRP A 36 -19.66 14.40 -5.54
CA TRP A 36 -20.19 13.34 -6.41
C TRP A 36 -20.57 12.06 -5.65
N THR A 37 -21.23 11.14 -6.34
CA THR A 37 -21.58 9.83 -5.78
C THR A 37 -20.83 8.71 -6.50
N VAL A 38 -21.11 7.47 -6.06
CA VAL A 38 -20.55 6.28 -6.69
C VAL A 38 -21.07 6.15 -8.13
N ALA A 39 -22.32 6.57 -8.33
CA ALA A 39 -22.97 6.56 -9.65
C ALA A 39 -22.37 7.59 -10.60
N GLU A 40 -21.94 8.72 -10.05
CA GLU A 40 -21.39 9.81 -10.85
C GLU A 40 -19.97 9.52 -11.36
N LEU A 41 -19.15 8.92 -10.51
CA LEU A 41 -17.77 8.55 -10.87
C LEU A 41 -17.72 7.47 -11.95
N GLU A 42 -18.70 6.56 -11.90
CA GLU A 42 -18.78 5.44 -12.85
C GLU A 42 -18.98 5.95 -14.27
N ALA A 43 -19.74 7.03 -14.41
CA ALA A 43 -19.97 7.68 -15.70
C ALA A 43 -18.74 8.46 -16.18
N ALA A 44 -17.87 8.80 -15.24
CA ALA A 44 -16.64 9.54 -15.54
C ALA A 44 -15.47 8.61 -15.91
N LYS A 45 -15.73 7.30 -15.93
CA LYS A 45 -14.71 6.32 -16.29
C LYS A 45 -14.48 6.28 -17.79
N ALA A 46 -15.46 5.76 -18.52
CA ALA A 46 -15.45 5.65 -19.99
C ALA A 46 -14.14 5.10 -20.58
N GLY A 47 -14.06 3.77 -20.65
CA GLY A 47 -12.90 3.09 -21.22
C GLY A 47 -11.92 2.60 -20.17
N ARG A 48 -11.67 3.43 -19.16
CA ARG A 48 -10.76 3.09 -18.07
C ARG A 48 -11.42 2.12 -17.09
N THR A 49 -10.64 1.15 -16.62
CA THR A 49 -11.14 0.10 -15.72
C THR A 49 -10.46 0.13 -14.36
N ILE A 50 -11.17 -0.31 -13.32
CA ILE A 50 -10.66 -0.30 -11.95
C ILE A 50 -10.59 -1.71 -11.35
N SER A 51 -9.40 -2.05 -10.83
CA SER A 51 -9.20 -3.31 -10.11
C SER A 51 -8.85 -3.01 -8.65
N VAL A 52 -9.44 -3.78 -7.74
CA VAL A 52 -9.11 -3.67 -6.31
C VAL A 52 -8.39 -4.93 -5.84
N VAL A 53 -7.21 -4.72 -5.24
CA VAL A 53 -6.38 -5.83 -4.80
C VAL A 53 -6.24 -5.82 -3.27
N LEU A 54 -6.45 -6.98 -2.67
CA LEU A 54 -6.29 -7.12 -1.23
C LEU A 54 -5.18 -8.12 -0.89
N PRO A 55 -3.99 -7.63 -0.50
CA PRO A 55 -2.93 -8.50 -0.03
C PRO A 55 -3.32 -9.20 1.28
N ALA A 56 -3.08 -10.52 1.35
CA ALA A 56 -3.47 -11.31 2.51
C ALA A 56 -2.47 -12.41 2.87
N LEU A 57 -1.94 -12.34 4.09
CA LEU A 57 -1.13 -13.41 4.67
C LEU A 57 -1.67 -13.76 6.05
N ASP A 58 -2.57 -14.74 6.08
CA ASP A 58 -3.24 -15.20 7.30
C ASP A 58 -4.06 -14.09 7.97
N GLU A 59 -5.27 -13.87 7.45
CA GLU A 59 -6.21 -12.89 8.00
C GLU A 59 -7.63 -13.44 8.08
N GLU A 60 -7.75 -14.72 8.42
CA GLU A 60 -9.03 -15.45 8.39
C GLU A 60 -10.18 -14.81 9.19
N ASP A 61 -9.83 -13.99 10.18
CA ASP A 61 -10.84 -13.31 11.02
C ASP A 61 -11.34 -12.00 10.41
N THR A 62 -10.41 -11.20 9.90
CA THR A 62 -10.71 -9.83 9.45
C THR A 62 -11.17 -9.76 7.99
N ILE A 63 -10.59 -10.60 7.14
CA ILE A 63 -10.75 -10.54 5.68
C ILE A 63 -12.21 -10.57 5.19
N GLY A 64 -13.05 -11.38 5.83
CA GLY A 64 -14.47 -11.46 5.49
C GLY A 64 -15.13 -10.09 5.55
N SER A 65 -14.97 -9.42 6.69
CA SER A 65 -15.52 -8.08 6.92
C SER A 65 -14.94 -7.05 5.95
N VAL A 66 -13.66 -7.20 5.61
CA VAL A 66 -12.99 -6.33 4.66
C VAL A 66 -13.65 -6.41 3.28
N ILE A 67 -13.88 -7.63 2.82
CA ILE A 67 -14.44 -7.88 1.49
C ILE A 67 -15.90 -7.40 1.37
N ASP A 68 -16.67 -7.64 2.42
CA ASP A 68 -18.10 -7.28 2.42
C ASP A 68 -18.35 -5.78 2.22
N SER A 69 -17.43 -4.95 2.69
CA SER A 69 -17.52 -3.50 2.55
C SER A 69 -17.35 -3.05 1.09
N ILE A 70 -16.61 -3.85 0.33
CA ILE A 70 -16.27 -3.53 -1.06
C ILE A 70 -17.19 -4.27 -2.05
N SER A 71 -17.88 -5.31 -1.56
CA SER A 71 -18.76 -6.16 -2.38
C SER A 71 -19.75 -5.44 -3.31
N PRO A 72 -20.54 -4.48 -2.77
CA PRO A 72 -21.54 -3.80 -3.61
C PRO A 72 -20.96 -2.94 -4.74
N LEU A 73 -19.68 -2.63 -4.66
CA LEU A 73 -19.00 -1.83 -5.69
C LEU A 73 -18.68 -2.66 -6.93
N VAL A 74 -18.51 -3.97 -6.74
CA VAL A 74 -18.17 -4.89 -7.83
C VAL A 74 -19.32 -5.01 -8.83
N ASP A 75 -18.96 -5.17 -10.11
CA ASP A 75 -19.90 -5.21 -11.24
C ASP A 75 -20.41 -3.82 -11.66
N GLY A 76 -20.28 -2.85 -10.75
CA GLY A 76 -20.63 -1.46 -11.03
C GLY A 76 -19.40 -0.62 -11.25
N LEU A 77 -18.90 -0.01 -10.17
CA LEU A 77 -17.71 0.84 -10.24
C LEU A 77 -16.43 0.00 -10.34
N VAL A 78 -16.29 -0.96 -9.43
CA VAL A 78 -15.15 -1.88 -9.44
C VAL A 78 -15.40 -2.99 -10.46
N ASP A 79 -14.50 -3.13 -11.41
CA ASP A 79 -14.62 -4.12 -12.48
C ASP A 79 -14.27 -5.53 -11.98
N GLU A 80 -13.28 -5.60 -11.09
CA GLU A 80 -12.85 -6.88 -10.52
C GLU A 80 -12.26 -6.72 -9.12
N LEU A 81 -12.65 -7.63 -8.22
CA LEU A 81 -12.10 -7.67 -6.88
C LEU A 81 -11.19 -8.89 -6.73
N ILE A 82 -9.92 -8.63 -6.45
CA ILE A 82 -8.91 -9.69 -6.35
C ILE A 82 -8.22 -9.68 -4.99
N VAL A 83 -8.14 -10.86 -4.37
CA VAL A 83 -7.39 -11.05 -3.14
C VAL A 83 -6.13 -11.85 -3.46
N LEU A 84 -4.98 -11.24 -3.20
CA LEU A 84 -3.70 -11.87 -3.50
C LEU A 84 -3.17 -12.62 -2.28
N ASP A 85 -3.21 -13.95 -2.35
CA ASP A 85 -2.79 -14.81 -1.25
C ASP A 85 -1.27 -14.91 -1.19
N SER A 86 -0.69 -14.46 -0.08
CA SER A 86 0.76 -14.55 0.15
C SER A 86 1.16 -15.85 0.82
N GLY A 87 0.44 -16.93 0.49
CA GLY A 87 0.70 -18.24 1.07
C GLY A 87 0.20 -18.35 2.49
N SER A 88 -1.11 -18.17 2.67
CA SER A 88 -1.75 -18.31 3.97
C SER A 88 -1.88 -19.78 4.35
N THR A 89 -1.56 -20.10 5.60
CA THR A 89 -1.62 -21.47 6.10
C THR A 89 -2.94 -21.78 6.80
N ASP A 90 -3.65 -20.74 7.22
CA ASP A 90 -4.94 -20.90 7.89
C ASP A 90 -6.10 -20.98 6.88
N ASP A 91 -7.31 -20.70 7.34
CA ASP A 91 -8.51 -20.80 6.51
C ASP A 91 -8.87 -19.48 5.79
N THR A 92 -7.85 -18.70 5.44
CA THR A 92 -8.06 -17.46 4.70
C THR A 92 -8.52 -17.73 3.27
N GLU A 93 -7.88 -18.69 2.61
CA GLU A 93 -8.18 -19.04 1.22
C GLU A 93 -9.64 -19.43 0.99
N ILE A 94 -10.21 -20.19 1.92
CA ILE A 94 -11.60 -20.64 1.81
C ILE A 94 -12.62 -19.60 2.30
N ARG A 95 -12.24 -18.80 3.31
CA ARG A 95 -13.12 -17.78 3.87
C ARG A 95 -13.24 -16.53 2.99
N ALA A 96 -12.26 -16.34 2.09
CA ALA A 96 -12.28 -15.23 1.15
C ALA A 96 -13.27 -15.48 0.01
N VAL A 97 -13.35 -16.73 -0.44
CA VAL A 97 -14.29 -17.14 -1.49
C VAL A 97 -15.73 -16.98 -1.00
N ALA A 98 -15.98 -17.39 0.25
CA ALA A 98 -17.30 -17.32 0.86
C ALA A 98 -17.78 -15.88 1.08
N ALA A 99 -16.84 -14.94 1.03
CA ALA A 99 -17.14 -13.51 1.12
C ALA A 99 -17.45 -12.92 -0.27
N GLY A 100 -17.33 -13.76 -1.30
CA GLY A 100 -17.61 -13.36 -2.67
C GLY A 100 -16.42 -12.73 -3.38
N ALA A 101 -15.22 -13.15 -3.00
CA ALA A 101 -14.00 -12.60 -3.58
C ALA A 101 -13.22 -13.65 -4.38
N ARG A 102 -12.51 -13.18 -5.40
CA ARG A 102 -11.68 -14.04 -6.24
C ARG A 102 -10.28 -14.15 -5.65
N VAL A 103 -9.86 -15.38 -5.36
CA VAL A 103 -8.56 -15.63 -4.72
C VAL A 103 -7.51 -16.02 -5.75
N VAL A 104 -6.43 -15.24 -5.79
CA VAL A 104 -5.26 -15.53 -6.62
C VAL A 104 -4.03 -15.56 -5.73
N SER A 105 -3.34 -16.70 -5.69
CA SER A 105 -2.12 -16.81 -4.90
C SER A 105 -0.92 -16.27 -5.68
N ARG A 106 0.21 -16.12 -5.00
CA ARG A 106 1.46 -15.65 -5.62
C ARG A 106 1.90 -16.56 -6.78
N GLU A 107 1.63 -17.85 -6.62
CA GLU A 107 2.01 -18.88 -7.58
C GLU A 107 1.31 -18.70 -8.92
N GLN A 108 0.00 -18.45 -8.88
CA GLN A 108 -0.81 -18.34 -10.09
C GLN A 108 -0.91 -16.92 -10.65
N ALA A 109 -0.45 -15.95 -9.86
CA ALA A 109 -0.40 -14.55 -10.30
C ALA A 109 0.70 -14.35 -11.36
N LEU A 110 1.81 -15.06 -11.21
CA LEU A 110 2.95 -15.01 -12.13
C LEU A 110 3.81 -16.28 -11.99
N PRO A 111 3.37 -17.40 -12.60
CA PRO A 111 3.98 -18.72 -12.37
C PRO A 111 5.41 -18.90 -12.89
N GLU A 112 5.80 -18.11 -13.87
CA GLU A 112 7.12 -18.27 -14.51
C GLU A 112 8.26 -17.53 -13.80
N VAL A 113 7.92 -16.86 -12.70
CA VAL A 113 8.92 -16.22 -11.83
C VAL A 113 8.81 -16.82 -10.43
N PRO A 114 9.93 -17.33 -9.88
CA PRO A 114 9.97 -17.87 -8.52
C PRO A 114 9.47 -16.90 -7.45
N ILE A 115 8.86 -17.46 -6.42
CA ILE A 115 8.24 -16.68 -5.34
C ILE A 115 9.30 -16.13 -4.38
N ARG A 116 9.14 -14.87 -3.99
CA ARG A 116 9.93 -14.27 -2.93
C ARG A 116 8.99 -13.84 -1.80
N PRO A 117 9.42 -13.98 -0.54
CA PRO A 117 8.55 -13.57 0.57
C PRO A 117 8.42 -12.05 0.66
N GLY A 118 7.34 -11.60 1.30
CA GLY A 118 7.13 -10.18 1.54
C GLY A 118 5.92 -9.61 0.85
N LYS A 119 5.40 -8.51 1.38
CA LYS A 119 4.23 -7.83 0.84
C LYS A 119 4.50 -7.23 -0.54
N GLY A 120 5.70 -6.68 -0.72
CA GLY A 120 6.10 -6.08 -1.99
C GLY A 120 5.92 -7.00 -3.18
N GLU A 121 6.28 -8.26 -3.00
CA GLU A 121 6.07 -9.30 -4.00
C GLU A 121 4.59 -9.42 -4.33
N ALA A 122 3.77 -9.58 -3.29
CA ALA A 122 2.32 -9.78 -3.45
C ALA A 122 1.71 -8.72 -4.36
N LEU A 123 2.03 -7.46 -4.08
CA LEU A 123 1.51 -6.33 -4.86
C LEU A 123 2.07 -6.31 -6.28
N TRP A 124 3.34 -6.69 -6.43
CA TRP A 124 3.98 -6.75 -7.73
C TRP A 124 3.33 -7.82 -8.60
N ARG A 125 3.12 -9.00 -8.01
CA ARG A 125 2.50 -10.13 -8.71
C ARG A 125 1.06 -9.84 -9.10
N SER A 126 0.38 -9.03 -8.28
CA SER A 126 -1.02 -8.68 -8.50
C SER A 126 -1.23 -7.81 -9.73
N LEU A 127 -0.16 -7.15 -10.19
CA LEU A 127 -0.21 -6.38 -11.41
C LEU A 127 -0.48 -7.28 -12.61
N ALA A 128 0.19 -8.44 -12.62
CA ALA A 128 0.01 -9.45 -13.66
C ALA A 128 -1.34 -10.14 -13.55
N ALA A 129 -1.84 -10.27 -12.31
CA ALA A 129 -3.11 -10.95 -12.04
C ALA A 129 -4.31 -10.08 -12.33
N SER A 130 -4.16 -8.76 -12.21
CA SER A 130 -5.23 -7.81 -12.44
C SER A 130 -5.27 -7.31 -13.89
N ARG A 131 -6.39 -6.73 -14.28
CA ARG A 131 -6.58 -6.25 -15.66
C ARG A 131 -6.78 -4.75 -15.76
N GLY A 132 -7.35 -4.15 -14.70
CA GLY A 132 -7.78 -2.76 -14.71
C GLY A 132 -6.72 -1.70 -14.99
N ASP A 133 -7.15 -0.62 -15.64
CA ASP A 133 -6.28 0.52 -15.96
C ASP A 133 -5.88 1.28 -14.70
N ILE A 134 -6.67 1.12 -13.64
CA ILE A 134 -6.42 1.73 -12.34
C ILE A 134 -6.48 0.64 -11.27
N VAL A 135 -5.41 0.55 -10.48
CA VAL A 135 -5.34 -0.44 -9.41
C VAL A 135 -5.42 0.22 -8.04
N VAL A 136 -6.28 -0.33 -7.18
CA VAL A 136 -6.46 0.18 -5.82
C VAL A 136 -6.06 -0.91 -4.82
N PHE A 137 -5.16 -0.56 -3.90
CA PHE A 137 -4.73 -1.49 -2.85
C PHE A 137 -5.38 -1.15 -1.52
N VAL A 138 -5.93 -2.17 -0.87
CA VAL A 138 -6.52 -2.04 0.47
C VAL A 138 -6.07 -3.25 1.30
N ASP A 139 -5.60 -2.99 2.53
CA ASP A 139 -5.15 -4.07 3.41
C ASP A 139 -6.30 -4.94 3.88
N SER A 140 -6.00 -6.21 4.17
CA SER A 140 -7.02 -7.19 4.55
C SER A 140 -7.09 -7.44 6.05
N ASP A 141 -6.33 -6.67 6.82
CA ASP A 141 -6.38 -6.76 8.28
C ASP A 141 -7.15 -5.60 8.93
N LEU A 142 -7.91 -4.88 8.12
CA LEU A 142 -8.66 -3.71 8.58
C LEU A 142 -9.92 -4.08 9.36
N ILE A 143 -9.99 -3.62 10.60
CA ILE A 143 -11.18 -3.79 11.42
C ILE A 143 -12.16 -2.66 11.10
N ASN A 144 -13.29 -3.05 10.51
CA ASN A 144 -14.33 -2.12 10.01
C ASN A 144 -13.81 -1.05 9.03
N PRO A 145 -13.67 -1.42 7.75
CA PRO A 145 -13.37 -0.41 6.73
C PRO A 145 -14.63 0.27 6.22
N HIS A 146 -14.55 1.58 5.99
CA HIS A 146 -15.67 2.36 5.49
C HIS A 146 -15.90 2.07 4.01
N PRO A 147 -17.16 1.76 3.62
CA PRO A 147 -17.53 1.40 2.25
C PRO A 147 -17.09 2.40 1.17
N MET A 148 -16.95 3.67 1.54
CA MET A 148 -16.58 4.73 0.61
C MET A 148 -15.08 4.86 0.38
N PHE A 149 -14.31 3.92 0.93
CA PHE A 149 -12.84 3.92 0.81
C PHE A 149 -12.35 3.91 -0.64
N VAL A 150 -12.92 3.01 -1.44
CA VAL A 150 -12.49 2.85 -2.84
C VAL A 150 -12.93 4.03 -3.73
N PRO A 151 -14.20 4.46 -3.64
CA PRO A 151 -14.63 5.68 -4.33
C PRO A 151 -13.75 6.90 -4.06
N TRP A 152 -13.35 7.08 -2.80
CA TRP A 152 -12.51 8.22 -2.42
C TRP A 152 -11.12 8.18 -3.05
N LEU A 153 -10.55 6.98 -3.14
CA LEU A 153 -9.20 6.82 -3.69
C LEU A 153 -9.14 6.98 -5.21
N VAL A 154 -10.18 6.54 -5.91
CA VAL A 154 -10.22 6.63 -7.38
C VAL A 154 -10.60 8.03 -7.88
N GLY A 155 -11.30 8.78 -7.02
CA GLY A 155 -11.79 10.12 -7.35
C GLY A 155 -10.82 11.04 -8.07
N PRO A 156 -9.63 11.29 -7.48
CA PRO A 156 -8.66 12.20 -8.08
C PRO A 156 -8.03 11.69 -9.39
N LEU A 157 -8.14 10.39 -9.64
CA LEU A 157 -7.58 9.79 -10.85
C LEU A 157 -8.51 9.94 -12.05
N LEU A 158 -9.82 9.86 -11.80
CA LEU A 158 -10.80 9.98 -12.87
C LEU A 158 -10.95 11.42 -13.39
N THR A 159 -10.66 12.39 -12.52
CA THR A 159 -10.63 13.80 -12.90
C THR A 159 -9.32 14.10 -13.63
N GLY A 160 -9.43 14.59 -14.86
CA GLY A 160 -8.28 14.80 -15.74
C GLY A 160 -7.43 16.00 -15.38
N ASP A 161 -6.18 15.75 -15.00
CA ASP A 161 -5.20 16.80 -14.72
C ASP A 161 -3.75 16.29 -14.73
N GLY A 162 -3.57 14.97 -14.59
CA GLY A 162 -2.25 14.35 -14.62
C GLY A 162 -1.80 13.81 -13.27
N VAL A 163 -2.74 13.25 -12.53
CA VAL A 163 -2.46 12.64 -11.22
C VAL A 163 -2.39 11.12 -11.39
N HIS A 164 -1.30 10.52 -10.92
CA HIS A 164 -1.06 9.08 -11.11
C HIS A 164 -1.03 8.26 -9.83
N LEU A 165 -0.76 8.91 -8.70
CA LEU A 165 -0.74 8.22 -7.39
C LEU A 165 -1.56 8.95 -6.35
N VAL A 166 -2.53 8.25 -5.77
CA VAL A 166 -3.35 8.81 -4.69
C VAL A 166 -3.00 8.14 -3.37
N LYS A 167 -2.47 8.93 -2.43
CA LYS A 167 -2.13 8.45 -1.09
C LYS A 167 -3.20 8.87 -0.08
N SER A 168 -3.45 8.00 0.90
CA SER A 168 -4.46 8.27 1.91
C SER A 168 -3.85 8.68 3.23
N PHE A 169 -4.57 9.52 3.97
CA PHE A 169 -4.25 9.79 5.37
C PHE A 169 -5.43 9.46 6.27
N TYR A 170 -5.11 9.02 7.50
CA TYR A 170 -6.11 8.54 8.45
C TYR A 170 -5.85 9.03 9.88
N ARG A 171 -6.73 8.64 10.79
CA ARG A 171 -6.63 8.99 12.20
C ARG A 171 -6.84 7.75 13.07
N ARG A 172 -6.00 7.62 14.10
CA ARG A 172 -6.13 6.53 15.06
C ARG A 172 -7.39 6.71 15.92
N PRO A 173 -8.14 5.61 16.14
CA PRO A 173 -9.42 5.68 16.87
C PRO A 173 -9.26 5.75 18.38
N LEU A 174 -10.35 6.07 19.08
CA LEU A 174 -10.39 6.06 20.55
C LEU A 174 -11.56 5.25 21.07
N GLY A 188 0.76 1.98 10.26
CA GLY A 188 2.08 2.56 10.38
C GLY A 188 2.40 3.00 11.80
N GLY A 189 1.58 3.90 12.33
CA GLY A 189 1.67 4.37 13.72
C GLY A 189 2.98 5.06 14.09
N ARG A 190 3.80 4.35 14.85
CA ARG A 190 5.10 4.85 15.31
C ARG A 190 6.11 4.97 14.17
N VAL A 191 6.25 3.90 13.39
CA VAL A 191 7.23 3.82 12.30
C VAL A 191 7.04 4.94 11.28
N THR A 192 5.78 5.28 11.00
CA THR A 192 5.47 6.42 10.13
C THR A 192 6.08 7.69 10.71
N GLU A 193 5.76 7.96 11.98
CA GLU A 193 6.11 9.23 12.61
C GLU A 193 7.59 9.38 13.02
N LEU A 194 8.27 8.27 13.28
CA LEU A 194 9.65 8.34 13.74
C LEU A 194 10.68 7.96 12.66
N VAL A 195 10.28 7.09 11.75
CA VAL A 195 11.21 6.58 10.74
C VAL A 195 10.96 7.21 9.37
N ALA A 196 9.82 6.88 8.76
CA ALA A 196 9.51 7.29 7.39
C ALA A 196 9.49 8.81 7.18
N ARG A 197 8.72 9.51 7.99
CA ARG A 197 8.52 10.95 7.81
C ARG A 197 9.78 11.79 8.08
N PRO A 198 10.49 11.54 9.19
CA PRO A 198 11.74 12.28 9.42
C PRO A 198 12.81 11.98 8.37
N LEU A 199 12.92 10.71 7.96
CA LEU A 199 13.91 10.30 6.95
C LEU A 199 13.57 10.93 5.60
N LEU A 200 12.29 11.00 5.28
CA LEU A 200 11.84 11.73 4.09
C LEU A 200 12.23 13.20 4.15
N ALA A 201 12.01 13.83 5.30
CA ALA A 201 12.40 15.23 5.50
C ALA A 201 13.90 15.42 5.27
N ALA A 202 14.68 14.40 5.63
CA ALA A 202 16.13 14.42 5.49
C ALA A 202 16.58 14.21 4.05
N LEU A 203 15.90 13.30 3.33
CA LEU A 203 16.38 12.87 2.03
C LEU A 203 15.57 13.38 0.83
N ARG A 204 14.25 13.36 0.93
CA ARG A 204 13.36 13.93 -0.08
C ARG A 204 12.43 14.94 0.60
N PRO A 205 12.94 16.15 0.91
CA PRO A 205 12.22 17.11 1.75
C PRO A 205 10.83 17.51 1.24
N GLU A 206 10.64 17.42 -0.07
CA GLU A 206 9.39 17.80 -0.72
C GLU A 206 8.22 16.92 -0.27
N LEU A 207 8.53 15.66 0.06
CA LEU A 207 7.51 14.69 0.48
C LEU A 207 7.17 14.82 1.97
N GLY A 208 7.54 15.95 2.56
CA GLY A 208 7.22 16.23 3.96
C GLY A 208 5.73 16.49 4.17
N CYS A 209 5.04 16.80 3.09
CA CYS A 209 3.60 17.08 3.12
C CYS A 209 2.75 15.80 3.10
N ILE A 210 3.40 14.65 2.86
CA ILE A 210 2.72 13.36 2.93
C ILE A 210 2.49 13.01 4.40
N LEU A 211 1.23 12.80 4.77
CA LEU A 211 0.88 12.52 6.16
C LEU A 211 1.15 11.08 6.57
N GLN A 212 0.64 10.12 5.79
CA GLN A 212 0.90 8.70 6.03
C GLN A 212 1.57 8.08 4.80
N PRO A 213 2.92 8.18 4.71
CA PRO A 213 3.64 7.62 3.56
C PRO A 213 3.57 6.10 3.46
N LEU A 214 3.38 5.42 4.59
CA LEU A 214 3.36 3.97 4.62
C LEU A 214 1.93 3.41 4.69
N GLY A 215 0.97 4.18 4.18
CA GLY A 215 -0.43 3.77 4.17
C GLY A 215 -0.68 2.65 3.18
N GLY A 216 -1.29 1.58 3.67
CA GLY A 216 -1.62 0.42 2.85
C GLY A 216 -2.79 0.63 1.90
N GLU A 217 -3.55 1.70 2.13
CA GLU A 217 -4.70 2.04 1.31
C GLU A 217 -4.33 3.16 0.33
N TYR A 218 -4.22 2.82 -0.95
CA TYR A 218 -3.87 3.77 -2.00
C TYR A 218 -4.23 3.29 -3.41
N ALA A 219 -4.23 4.22 -4.36
CA ALA A 219 -4.59 3.94 -5.74
C ALA A 219 -3.59 4.53 -6.71
N ALA A 220 -3.36 3.82 -7.82
CA ALA A 220 -2.44 4.27 -8.86
C ALA A 220 -2.83 3.73 -10.24
N THR A 221 -2.45 4.46 -11.28
CA THR A 221 -2.70 4.04 -12.66
C THR A 221 -1.71 2.94 -13.06
N ARG A 222 -2.15 2.03 -13.92
CA ARG A 222 -1.31 0.94 -14.42
C ARG A 222 -0.07 1.48 -15.15
N GLU A 223 -0.27 2.54 -15.93
CA GLU A 223 0.81 3.21 -16.64
C GLU A 223 2.00 3.52 -15.71
N LEU A 224 1.68 3.96 -14.50
CA LEU A 224 2.69 4.22 -13.48
C LEU A 224 3.21 2.92 -12.86
N LEU A 225 2.30 2.12 -12.32
CA LEU A 225 2.64 0.92 -11.54
C LEU A 225 3.55 -0.07 -12.26
N THR A 226 3.31 -0.25 -13.56
CA THR A 226 4.05 -1.25 -14.35
C THR A 226 5.40 -0.73 -14.87
N SER A 227 5.61 0.58 -14.75
CA SER A 227 6.85 1.21 -15.22
CA SER A 227 6.85 1.21 -15.22
C SER A 227 7.89 1.36 -14.10
N VAL A 228 7.44 1.19 -12.86
CA VAL A 228 8.34 1.30 -11.71
C VAL A 228 8.73 -0.06 -11.12
N PRO A 229 9.97 -0.16 -10.58
CA PRO A 229 10.36 -1.33 -9.81
C PRO A 229 9.60 -1.44 -8.49
N PHE A 230 9.46 -2.66 -7.98
CA PHE A 230 8.72 -2.90 -6.73
C PHE A 230 9.63 -3.39 -5.59
N ALA A 231 9.76 -2.55 -4.57
CA ALA A 231 10.56 -2.84 -3.38
C ALA A 231 10.07 -4.08 -2.63
N PRO A 232 10.99 -4.80 -1.95
CA PRO A 232 10.63 -6.01 -1.22
C PRO A 232 10.03 -5.71 0.15
N GLY A 233 9.35 -6.70 0.73
CA GLY A 233 8.80 -6.60 2.08
C GLY A 233 7.93 -5.36 2.28
N TYR A 234 8.05 -4.76 3.46
CA TYR A 234 7.25 -3.58 3.81
C TYR A 234 7.81 -2.29 3.22
N GLY A 235 8.80 -2.41 2.33
CA GLY A 235 9.39 -1.26 1.67
C GLY A 235 8.63 -0.82 0.43
N VAL A 236 7.65 -1.62 0.02
CA VAL A 236 6.91 -1.40 -1.24
C VAL A 236 6.24 -0.02 -1.35
N GLU A 237 5.56 0.41 -0.29
CA GLU A 237 4.86 1.71 -0.28
C GLU A 237 5.81 2.89 -0.43
N ILE A 238 6.80 2.98 0.46
CA ILE A 238 7.73 4.10 0.44
C ILE A 238 8.57 4.14 -0.85
N GLY A 239 8.94 2.96 -1.35
CA GLY A 239 9.63 2.86 -2.63
C GLY A 239 8.79 3.47 -3.73
N LEU A 240 7.52 3.10 -3.75
CA LEU A 240 6.57 3.58 -4.76
C LEU A 240 6.45 5.10 -4.72
N LEU A 241 6.22 5.65 -3.52
CA LEU A 241 6.08 7.08 -3.31
C LEU A 241 7.26 7.87 -3.88
N VAL A 242 8.47 7.45 -3.54
CA VAL A 242 9.69 8.10 -3.99
C VAL A 242 9.88 7.95 -5.50
N ASP A 243 9.68 6.73 -6.02
CA ASP A 243 9.76 6.49 -7.46
C ASP A 243 8.81 7.40 -8.23
N THR A 244 7.58 7.52 -7.74
CA THR A 244 6.56 8.39 -8.33
C THR A 244 7.03 9.84 -8.35
N PHE A 245 7.47 10.32 -7.18
CA PHE A 245 7.94 11.70 -7.04
C PHE A 245 9.16 11.99 -7.93
N ASP A 246 10.11 11.06 -7.97
CA ASP A 246 11.34 11.26 -8.73
C ASP A 246 11.12 11.37 -10.23
N ARG A 247 10.20 10.55 -10.76
CA ARG A 247 9.93 10.53 -12.19
C ARG A 247 8.88 11.55 -12.62
N LEU A 248 7.77 11.61 -11.90
CA LEU A 248 6.62 12.42 -12.29
C LEU A 248 6.48 13.73 -11.53
N GLY A 249 7.29 13.92 -10.49
CA GLY A 249 7.20 15.14 -9.67
C GLY A 249 6.04 15.10 -8.69
N LEU A 250 5.94 16.13 -7.85
CA LEU A 250 4.93 16.21 -6.81
C LEU A 250 3.51 16.36 -7.37
N ASP A 251 3.44 16.87 -8.61
CA ASP A 251 2.17 17.18 -9.26
C ASP A 251 1.32 15.96 -9.62
N ALA A 252 1.94 14.79 -9.64
CA ALA A 252 1.25 13.54 -9.95
C ALA A 252 0.76 12.81 -8.71
N ILE A 253 1.07 13.37 -7.53
CA ILE A 253 0.69 12.76 -6.27
C ILE A 253 -0.36 13.59 -5.56
N ALA A 254 -1.46 12.94 -5.19
CA ALA A 254 -2.53 13.57 -4.44
C ALA A 254 -2.80 12.81 -3.13
N GLN A 255 -3.39 13.51 -2.16
CA GLN A 255 -3.74 12.90 -0.88
C GLN A 255 -5.22 13.02 -0.58
N VAL A 256 -5.81 11.95 -0.05
CA VAL A 256 -7.24 11.91 0.27
C VAL A 256 -7.49 11.46 1.70
N ASN A 257 -8.35 12.20 2.41
CA ASN A 257 -8.76 11.84 3.76
C ASN A 257 -9.71 10.65 3.76
N LEU A 258 -9.40 9.65 4.58
CA LEU A 258 -10.29 8.50 4.75
C LEU A 258 -11.05 8.58 6.06
N GLY A 259 -10.41 9.16 7.07
CA GLY A 259 -11.05 9.34 8.39
C GLY A 259 -10.43 8.49 9.47
N VAL A 260 -11.05 7.33 9.71
CA VAL A 260 -10.63 6.44 10.81
C VAL A 260 -10.13 5.10 10.27
N ARG A 261 -8.92 4.72 10.69
CA ARG A 261 -8.32 3.44 10.32
C ARG A 261 -7.96 2.62 11.56
N GLU A 262 -8.03 1.30 11.44
CA GLU A 262 -7.67 0.37 12.52
C GLU A 262 -7.27 -0.98 11.95
N HIS A 263 -6.17 -1.54 12.45
CA HIS A 263 -5.71 -2.87 12.05
C HIS A 263 -5.00 -3.63 13.18
N ARG A 264 -4.13 -4.57 12.82
CA ARG A 264 -3.44 -5.40 13.81
C ARG A 264 -2.37 -4.62 14.57
N ASN A 265 -2.38 -4.76 15.90
CA ASN A 265 -1.41 -4.09 16.76
C ASN A 265 -0.08 -4.83 16.79
N ARG A 266 0.88 -4.34 16.01
CA ARG A 266 2.18 -4.98 15.89
C ARG A 266 3.08 -4.67 17.09
N PRO A 267 3.71 -5.70 17.69
CA PRO A 267 4.64 -5.54 18.80
C PRO A 267 5.90 -4.79 18.38
N LEU A 268 6.57 -4.16 19.35
CA LEU A 268 7.76 -3.33 19.10
C LEU A 268 8.85 -4.06 18.32
N ALA A 269 8.96 -5.37 18.54
CA ALA A 269 9.94 -6.21 17.85
C ALA A 269 9.72 -6.20 16.34
N GLU A 270 8.49 -6.44 15.92
CA GLU A 270 8.12 -6.42 14.50
C GLU A 270 8.36 -5.06 13.86
N LEU A 271 8.01 -4.00 14.58
CA LEU A 271 8.14 -2.63 14.11
C LEU A 271 9.60 -2.26 13.82
N GLY A 272 10.51 -2.83 14.60
CA GLY A 272 11.94 -2.64 14.40
C GLY A 272 12.37 -3.17 13.04
N ALA A 273 11.91 -4.38 12.72
CA ALA A 273 12.19 -5.03 11.44
C ALA A 273 11.66 -4.21 10.27
N MET A 274 10.39 -3.79 10.38
CA MET A 274 9.76 -3.00 9.33
C MET A 274 10.52 -1.70 9.09
N SER A 275 10.89 -1.03 10.18
CA SER A 275 11.69 0.18 10.11
CA SER A 275 11.70 0.19 10.10
C SER A 275 12.96 -0.04 9.28
N ARG A 276 13.67 -1.13 9.59
CA ARG A 276 14.91 -1.49 8.89
C ARG A 276 14.69 -1.60 7.37
N GLN A 277 13.59 -2.22 6.99
CA GLN A 277 13.26 -2.40 5.57
C GLN A 277 12.86 -1.08 4.93
N VAL A 278 12.12 -0.25 5.67
CA VAL A 278 11.74 1.08 5.19
C VAL A 278 13.01 1.91 4.94
N ILE A 279 13.94 1.87 5.89
CA ILE A 279 15.23 2.52 5.76
C ILE A 279 15.99 2.01 4.54
N ALA A 280 16.17 0.69 4.45
CA ALA A 280 16.87 0.06 3.33
C ALA A 280 16.29 0.47 1.98
N THR A 281 14.96 0.41 1.87
CA THR A 281 14.27 0.78 0.65
C THR A 281 14.44 2.27 0.31
N LEU A 282 14.27 3.14 1.32
CA LEU A 282 14.41 4.57 1.11
CA LEU A 282 14.41 4.58 1.13
C LEU A 282 15.85 4.96 0.76
N LEU A 283 16.81 4.36 1.46
CA LEU A 283 18.23 4.62 1.19
C LEU A 283 18.63 4.21 -0.22
N SER A 284 18.09 3.09 -0.70
CA SER A 284 18.36 2.61 -2.04
CA SER A 284 18.38 2.61 -2.04
C SER A 284 17.80 3.56 -3.11
N ARG A 285 16.59 4.04 -2.88
CA ARG A 285 15.94 4.97 -3.81
C ARG A 285 16.68 6.32 -3.88
N CYS A 286 17.50 6.59 -2.87
CA CYS A 286 18.24 7.85 -2.80
C CYS A 286 19.72 7.69 -3.17
N GLY A 287 20.06 6.55 -3.77
CA GLY A 287 21.43 6.27 -4.21
C GLY A 287 22.44 6.13 -3.08
N ILE A 288 21.95 5.77 -1.90
CA ILE A 288 22.79 5.56 -0.73
C ILE A 288 22.94 4.05 -0.51
N PRO A 289 24.20 3.57 -0.45
CA PRO A 289 24.42 2.13 -0.28
C PRO A 289 24.06 1.67 1.13
N ASP A 290 23.14 0.72 1.19
CA ASP A 290 22.73 0.09 2.44
C ASP A 290 23.55 -1.18 2.64
N SER A 291 23.94 -1.45 3.88
CA SER A 291 24.80 -2.60 4.20
C SER A 291 24.22 -3.95 3.80
N GLY A 292 22.89 -4.07 3.89
CA GLY A 292 22.21 -5.34 3.65
C GLY A 292 22.22 -6.21 4.88
N VAL A 293 22.80 -5.68 5.96
CA VAL A 293 22.87 -6.38 7.24
C VAL A 293 21.54 -6.21 7.97
N GLY A 294 20.95 -7.32 8.41
CA GLY A 294 19.67 -7.31 9.10
C GLY A 294 19.76 -6.67 10.47
N LEU A 295 18.65 -6.09 10.92
CA LEU A 295 18.57 -5.54 12.27
C LEU A 295 18.57 -6.67 13.30
N THR A 296 19.57 -6.64 14.17
CA THR A 296 19.69 -7.60 15.26
C THR A 296 19.17 -6.96 16.55
N GLN A 297 18.14 -7.58 17.13
CA GLN A 297 17.51 -7.04 18.33
C GLN A 297 17.89 -7.84 19.56
N PHE A 298 17.86 -7.19 20.71
CA PHE A 298 18.13 -7.85 21.98
C PHE A 298 16.92 -7.76 22.89
N VAL A 299 16.16 -8.85 22.93
CA VAL A 299 14.97 -8.94 23.78
C VAL A 299 15.38 -9.45 25.15
N ALA A 300 14.90 -8.79 26.20
CA ALA A 300 15.15 -9.22 27.57
C ALA A 300 14.44 -10.54 27.83
N ASP A 301 15.12 -11.44 28.53
CA ASP A 301 14.58 -12.77 28.81
C ASP A 301 13.70 -12.77 30.05
N GLY A 302 14.32 -12.65 31.22
CA GLY A 302 13.60 -12.69 32.50
C GLY A 302 13.07 -11.33 32.91
N PRO A 303 12.49 -11.25 34.13
CA PRO A 303 11.89 -10.02 34.66
C PRO A 303 12.90 -8.89 34.83
N GLU A 304 14.02 -9.19 35.48
CA GLU A 304 15.05 -8.18 35.77
C GLU A 304 15.90 -7.85 34.54
N GLY A 305 15.60 -8.51 33.42
CA GLY A 305 16.42 -8.40 32.21
C GLY A 305 17.78 -9.04 32.43
N GLN A 306 17.77 -10.23 33.02
CA GLN A 306 18.99 -10.93 33.45
C GLN A 306 19.82 -11.45 32.27
N SER A 307 19.15 -11.78 31.16
CA SER A 307 19.81 -12.20 29.93
C SER A 307 19.06 -11.71 28.70
N TYR A 308 19.73 -11.71 27.55
CA TYR A 308 19.14 -11.22 26.31
C TYR A 308 19.14 -12.25 25.20
N THR A 309 17.98 -12.40 24.56
CA THR A 309 17.82 -13.24 23.38
C THR A 309 18.08 -12.42 22.13
N GLN A 310 19.05 -12.87 21.35
CA GLN A 310 19.45 -12.19 20.12
C GLN A 310 18.55 -12.61 18.96
N HIS A 311 17.98 -11.63 18.27
CA HIS A 311 17.03 -11.88 17.20
C HIS A 311 17.33 -11.03 15.97
N THR A 312 17.62 -11.69 14.85
CA THR A 312 18.02 -10.99 13.63
C THR A 312 17.02 -11.15 12.48
N TRP A 313 16.27 -10.09 12.23
CA TRP A 313 15.30 -10.03 11.14
C TRP A 313 16.01 -9.92 9.78
N PRO A 314 15.47 -10.59 8.74
CA PRO A 314 16.08 -10.48 7.41
C PRO A 314 15.74 -9.14 6.73
N VAL A 315 16.64 -8.65 5.89
CA VAL A 315 16.41 -7.43 5.10
C VAL A 315 16.79 -7.65 3.64
N SER A 316 15.91 -7.25 2.73
CA SER A 316 16.16 -7.42 1.30
C SER A 316 16.45 -6.09 0.63
N LEU A 317 17.43 -6.10 -0.27
CA LEU A 317 17.75 -4.96 -1.10
C LEU A 317 17.35 -5.24 -2.55
N ALA A 318 16.61 -6.33 -2.75
CA ALA A 318 16.23 -6.77 -4.09
C ALA A 318 14.85 -6.27 -4.51
N ASP A 319 14.84 -5.25 -5.35
CA ASP A 319 13.63 -4.78 -6.02
C ASP A 319 13.18 -5.83 -7.03
N ARG A 320 11.90 -5.80 -7.40
CA ARG A 320 11.45 -6.49 -8.59
C ARG A 320 11.44 -5.49 -9.74
N PRO A 321 11.82 -5.94 -10.95
CA PRO A 321 11.85 -5.05 -12.11
C PRO A 321 10.43 -4.60 -12.48
N PRO A 322 10.31 -3.46 -13.21
CA PRO A 322 9.01 -3.02 -13.68
C PRO A 322 8.28 -4.14 -14.42
N MET A 323 7.01 -4.34 -14.11
CA MET A 323 6.21 -5.43 -14.70
C MET A 323 6.24 -5.43 -16.23
N GLN A 324 6.38 -4.24 -16.83
CA GLN A 324 6.52 -4.10 -18.28
C GLN A 324 7.71 -4.86 -18.83
N ALA A 325 8.70 -5.14 -17.97
CA ALA A 325 9.88 -5.90 -18.35
C ALA A 325 9.65 -7.41 -18.32
N ILE A 326 8.70 -7.86 -17.49
CA ILE A 326 8.37 -9.27 -17.36
C ILE A 326 7.18 -9.63 -18.24
N ARG A 327 6.02 -9.09 -17.88
CA ARG A 327 4.80 -9.33 -18.64
C ARG A 327 4.17 -8.01 -19.06
N PRO A 328 4.50 -7.53 -20.28
CA PRO A 328 3.98 -6.26 -20.79
C PRO A 328 2.47 -6.31 -21.04
N ARG A 329 1.75 -5.32 -20.51
CA ARG A 329 0.30 -5.23 -20.65
C ARG A 329 -0.10 -5.01 -22.12
#